data_4K6R
#
_entry.id   4K6R
#
_cell.length_a   76.280
_cell.length_b   76.280
_cell.length_c   277.230
_cell.angle_alpha   90.000
_cell.angle_beta   90.000
_cell.angle_gamma   120.000
#
_symmetry.space_group_name_H-M   'H 3'
#
loop_
_entity.id
_entity.type
_entity.pdbx_description
1 polymer 'Bifunctional protein GlmU'
2 non-polymer "ADENOSINE-5'-TRIPHOSPHATE"
3 non-polymer 'MAGNESIUM ION'
4 non-polymer 2-acetamido-2-deoxy-1-O-phosphono-alpha-D-glucopyranose
5 non-polymer 'COBALT (II) ION'
6 water water
#
_entity_poly.entity_id   1
_entity_poly.type   'polypeptide(L)'
_entity_poly.pdbx_seq_one_letter_code
;HHHHHHMTFPGDTAVLVLAAGPGTRMRSDTPKVLHTLAGRSMLSHVLHAIAKLAPQRLIVVLGHDHQRIAPLVGELADTL
GRTIDVALQDRPLGTGHAVLCGLSALPDDYAGNVVVTSGDTPLLDADTLADLIATHRAVSAAVTVLTTTLDDPFGYGRIL
RTQDHEVMAIVEQTDATPSQREIREVNAGVYAFDIAALRSALSRLSSNNAQQELYLTDVIAILRSDGQTVHASHVDDSAL
VAGVNNRVQLAELASELNRRVVAAHQLAGVTVVDPATTWIDVDVTIGRDTVIHPGTQLLGRTQIGGRCVVGPDTTLTDVA
VGDGASVVRTHGSSSSIGDGAAVGPFTYLRPGTALGADGKLGAFVEVKNSTIGTGTKVPHLTYVGDADIGEYSNIGASSV
FVNYDGTSKRRTTVGSHVRTGSDTMFVAPVTIGDGAYTGAGTVVREDVPPGALAVSAGPQRNIENWVQRKRPGSPAAQAS
KRASEMACQQPTQPPDADQTP
;
_entity_poly.pdbx_strand_id   A
#
loop_
_chem_comp.id
_chem_comp.type
_chem_comp.name
_chem_comp.formula
ATP non-polymer ADENOSINE-5'-TRIPHOSPHATE 'C10 H16 N5 O13 P3'
CO non-polymer 'COBALT (II) ION' 'Co 2'
GN1 D-saccharide 2-acetamido-2-deoxy-1-O-phosphono-alpha-D-glucopyranose 'C8 H16 N O9 P'
MG non-polymer 'MAGNESIUM ION' 'Mg 2'
#
# COMPACT_ATOMS: atom_id res chain seq x y z
N ASP A 12 -22.75 12.65 -21.12
CA ASP A 12 -21.47 12.47 -21.90
C ASP A 12 -20.29 13.30 -21.35
N THR A 13 -19.24 12.61 -20.93
CA THR A 13 -18.15 13.26 -20.20
C THR A 13 -16.80 12.68 -20.56
N ALA A 14 -15.83 13.58 -20.70
CA ALA A 14 -14.43 13.19 -20.84
C ALA A 14 -13.68 13.67 -19.59
N VAL A 15 -12.86 12.80 -19.03
CA VAL A 15 -12.13 13.20 -17.83
C VAL A 15 -10.64 13.32 -18.19
N LEU A 16 -10.03 14.45 -17.79
CA LEU A 16 -8.58 14.62 -18.00
C LEU A 16 -7.87 14.58 -16.67
N VAL A 17 -6.75 13.85 -16.59
CA VAL A 17 -5.97 13.78 -15.34
C VAL A 17 -4.67 14.49 -15.64
N LEU A 18 -4.38 15.58 -14.95
CA LEU A 18 -3.11 16.28 -15.23
C LEU A 18 -2.04 15.66 -14.38
N ALA A 19 -1.09 15.03 -15.04
CA ALA A 19 0.02 14.36 -14.34
C ALA A 19 1.36 14.59 -15.03
N ALA A 20 1.62 15.82 -15.48
CA ALA A 20 2.77 16.10 -16.36
C ALA A 20 3.85 16.83 -15.60
N GLY A 21 3.57 17.22 -14.36
CA GLY A 21 4.56 18.03 -13.59
C GLY A 21 5.76 17.22 -13.13
N PRO A 22 6.94 17.87 -12.99
CA PRO A 22 8.09 17.10 -12.50
C PRO A 22 8.00 16.73 -10.97
N GLY A 23 7.17 17.42 -10.21
CA GLY A 23 7.18 17.17 -8.74
C GLY A 23 8.52 17.39 -8.07
N THR A 24 9.22 18.46 -8.44
N THR A 24 9.22 18.46 -8.44
CA THR A 24 10.57 18.76 -7.90
CA THR A 24 10.57 18.70 -7.89
C THR A 24 10.54 18.88 -6.38
C THR A 24 10.52 18.82 -6.37
N ARG A 25 9.44 19.43 -5.85
CA ARG A 25 9.25 19.54 -4.37
C ARG A 25 9.25 18.19 -3.63
N MET A 26 9.01 17.09 -4.34
CA MET A 26 9.17 15.73 -3.75
C MET A 26 10.61 15.37 -3.50
N ARG A 27 11.52 16.02 -4.21
CA ARG A 27 12.98 15.64 -4.13
C ARG A 27 13.23 14.13 -4.29
N SER A 28 12.80 13.60 -5.42
CA SER A 28 12.87 12.19 -5.59
C SER A 28 13.28 11.84 -7.04
N ASP A 29 13.93 10.70 -7.22
CA ASP A 29 14.15 10.14 -8.56
C ASP A 29 13.02 9.25 -9.00
N THR A 30 12.02 9.02 -8.11
CA THR A 30 10.82 8.26 -8.51
C THR A 30 9.75 9.26 -8.84
N PRO A 31 9.14 9.18 -10.07
CA PRO A 31 8.13 10.14 -10.48
C PRO A 31 7.07 10.32 -9.43
N LYS A 32 6.71 11.54 -9.18
CA LYS A 32 5.80 11.87 -8.09
C LYS A 32 4.50 11.10 -8.07
N VAL A 33 3.81 10.98 -9.23
CA VAL A 33 2.47 10.33 -9.13
C VAL A 33 2.57 8.81 -8.93
N LEU A 34 3.82 8.30 -8.93
CA LEU A 34 4.07 6.88 -8.67
C LEU A 34 4.35 6.67 -7.19
N HIS A 35 4.52 7.75 -6.40
CA HIS A 35 4.64 7.50 -4.93
C HIS A 35 3.35 6.91 -4.36
N THR A 36 3.46 6.06 -3.32
CA THR A 36 2.33 5.26 -2.90
C THR A 36 1.75 5.64 -1.51
N LEU A 37 0.48 5.33 -1.35
CA LEU A 37 -0.14 5.34 -0.03
C LEU A 37 -1.16 4.18 0.02
N ALA A 38 -1.18 3.48 1.17
CA ALA A 38 -2.10 2.39 1.36
C ALA A 38 -1.99 1.35 0.23
N GLY A 39 -0.80 1.17 -0.31
CA GLY A 39 -0.57 0.05 -1.22
C GLY A 39 -0.81 0.42 -2.72
N ARG A 40 -1.17 1.68 -3.04
CA ARG A 40 -1.36 2.08 -4.46
C ARG A 40 -0.68 3.43 -4.72
N SER A 41 -0.18 3.63 -5.96
CA SER A 41 0.31 4.95 -6.38
C SER A 41 -0.81 5.97 -6.38
N MET A 42 -0.43 7.23 -6.18
CA MET A 42 -1.38 8.33 -6.32
C MET A 42 -2.11 8.23 -7.67
N LEU A 43 -1.36 7.95 -8.75
CA LEU A 43 -1.99 7.92 -10.08
C LEU A 43 -2.97 6.75 -10.09
N SER A 44 -2.58 5.60 -9.54
CA SER A 44 -3.53 4.49 -9.46
C SER A 44 -4.79 4.77 -8.64
N HIS A 45 -4.69 5.36 -7.45
CA HIS A 45 -5.87 5.83 -6.75
C HIS A 45 -6.80 6.70 -7.66
N VAL A 46 -6.21 7.72 -8.28
CA VAL A 46 -7.05 8.66 -9.09
C VAL A 46 -7.71 7.91 -10.24
N LEU A 47 -7.02 7.01 -10.91
CA LEU A 47 -7.62 6.34 -12.05
C LEU A 47 -8.71 5.30 -11.64
N HIS A 48 -8.46 4.62 -10.52
CA HIS A 48 -9.51 3.75 -9.91
C HIS A 48 -10.74 4.53 -9.61
N ALA A 49 -10.64 5.71 -8.98
CA ALA A 49 -11.80 6.54 -8.74
C ALA A 49 -12.53 6.89 -10.03
N ILE A 50 -11.79 7.38 -11.03
CA ILE A 50 -12.43 7.79 -12.30
C ILE A 50 -13.06 6.58 -13.06
N ALA A 51 -12.40 5.42 -13.11
CA ALA A 51 -12.91 4.23 -13.81
C ALA A 51 -14.25 3.82 -13.21
N LYS A 52 -14.42 4.00 -11.90
CA LYS A 52 -15.69 3.65 -11.25
C LYS A 52 -16.79 4.53 -11.80
N LEU A 53 -16.52 5.84 -11.90
CA LEU A 53 -17.39 6.80 -12.55
C LEU A 53 -17.73 6.42 -13.99
N ALA A 54 -16.81 5.74 -14.67
CA ALA A 54 -17.01 5.24 -16.03
C ALA A 54 -17.37 6.33 -17.04
N PRO A 55 -16.49 7.36 -17.21
CA PRO A 55 -16.76 8.37 -18.25
C PRO A 55 -16.53 7.75 -19.63
N GLN A 56 -17.12 8.38 -20.64
CA GLN A 56 -16.94 8.02 -22.03
C GLN A 56 -15.45 8.09 -22.46
N ARG A 57 -14.77 9.20 -22.14
CA ARG A 57 -13.33 9.31 -22.41
C ARG A 57 -12.51 9.52 -21.11
N LEU A 58 -11.27 9.04 -21.12
CA LEU A 58 -10.38 9.12 -19.96
C LEU A 58 -9.02 9.40 -20.51
N ILE A 59 -8.55 10.62 -20.27
CA ILE A 59 -7.26 11.07 -20.85
C ILE A 59 -6.29 11.48 -19.73
N VAL A 60 -5.10 10.87 -19.78
CA VAL A 60 -4.05 11.20 -18.82
C VAL A 60 -3.00 12.07 -19.53
N VAL A 61 -2.76 13.28 -19.03
CA VAL A 61 -1.72 14.14 -19.61
C VAL A 61 -0.45 13.89 -18.91
N LEU A 62 0.56 13.37 -19.62
CA LEU A 62 1.84 13.12 -19.00
C LEU A 62 2.84 14.07 -19.58
N GLY A 63 4.03 14.13 -18.99
CA GLY A 63 5.00 15.09 -19.44
C GLY A 63 6.37 14.67 -18.93
N HIS A 64 6.79 15.30 -17.84
CA HIS A 64 8.03 14.95 -17.20
C HIS A 64 8.07 13.43 -16.84
N ASP A 65 9.09 12.71 -17.33
CA ASP A 65 9.15 11.27 -17.07
C ASP A 65 7.98 10.42 -17.67
N HIS A 66 7.34 10.90 -18.72
CA HIS A 66 6.20 10.17 -19.29
C HIS A 66 6.61 8.72 -19.68
N GLN A 67 7.85 8.51 -20.08
CA GLN A 67 8.24 7.14 -20.52
C GLN A 67 8.25 6.16 -19.39
N ARG A 68 8.50 6.63 -18.15
CA ARG A 68 8.42 5.73 -16.99
C ARG A 68 6.99 5.59 -16.52
N ILE A 69 6.14 6.57 -16.79
CA ILE A 69 4.80 6.49 -16.28
C ILE A 69 3.77 5.85 -17.25
N ALA A 70 3.90 6.11 -18.58
CA ALA A 70 2.91 5.66 -19.58
C ALA A 70 2.67 4.14 -19.55
N PRO A 71 3.73 3.31 -19.35
CA PRO A 71 3.51 1.84 -19.29
C PRO A 71 2.57 1.44 -18.16
N LEU A 72 2.64 2.15 -17.05
CA LEU A 72 1.80 1.83 -15.89
C LEU A 72 0.37 2.25 -16.14
N VAL A 73 0.19 3.35 -16.86
CA VAL A 73 -1.15 3.72 -17.30
C VAL A 73 -1.77 2.60 -18.17
N GLY A 74 -0.99 2.10 -19.14
CA GLY A 74 -1.43 0.94 -19.99
C GLY A 74 -1.83 -0.27 -19.13
N GLU A 75 -1.01 -0.59 -18.13
CA GLU A 75 -1.30 -1.74 -17.24
C GLU A 75 -2.61 -1.52 -16.48
N LEU A 76 -2.80 -0.31 -15.92
CA LEU A 76 -4.04 0.01 -15.23
C LEU A 76 -5.23 -0.03 -16.13
N ALA A 77 -5.07 0.46 -17.36
CA ALA A 77 -6.15 0.42 -18.33
C ALA A 77 -6.63 -1.03 -18.46
N ASP A 78 -5.70 -1.97 -18.65
CA ASP A 78 -6.05 -3.41 -18.75
C ASP A 78 -6.73 -3.91 -17.48
N THR A 79 -6.10 -3.64 -16.33
CA THR A 79 -6.68 -3.99 -15.04
C THR A 79 -8.08 -3.46 -14.94
N LEU A 80 -8.31 -2.23 -15.37
CA LEU A 80 -9.60 -1.65 -15.09
C LEU A 80 -10.57 -1.97 -16.25
N GLY A 81 -10.11 -2.70 -17.26
CA GLY A 81 -10.90 -3.00 -18.47
C GLY A 81 -11.47 -1.79 -19.21
N ARG A 82 -10.67 -0.75 -19.42
CA ARG A 82 -11.11 0.36 -20.27
C ARG A 82 -9.87 0.92 -20.96
N THR A 83 -10.05 1.69 -22.01
CA THR A 83 -8.91 2.25 -22.73
C THR A 83 -8.63 3.56 -21.99
N ILE A 84 -7.36 3.90 -21.83
CA ILE A 84 -7.02 5.22 -21.20
C ILE A 84 -6.01 5.84 -22.10
N ASP A 85 -6.38 7.01 -22.67
CA ASP A 85 -5.50 7.69 -23.62
C ASP A 85 -4.48 8.51 -22.86
N VAL A 86 -3.29 8.64 -23.43
CA VAL A 86 -2.23 9.42 -22.88
C VAL A 86 -1.99 10.57 -23.86
N ALA A 87 -2.05 11.80 -23.37
CA ALA A 87 -1.60 12.98 -24.18
C ALA A 87 -0.32 13.49 -23.52
N LEU A 88 0.62 13.93 -24.35
CA LEU A 88 1.96 14.42 -23.88
C LEU A 88 1.95 15.95 -23.83
N GLN A 89 2.42 16.47 -22.70
CA GLN A 89 2.68 17.87 -22.57
C GLN A 89 4.20 18.08 -22.73
N ASP A 90 4.60 18.93 -23.67
CA ASP A 90 6.02 19.02 -24.01
C ASP A 90 6.69 20.34 -23.66
N ARG A 91 6.02 21.18 -22.89
CA ARG A 91 6.65 22.38 -22.37
C ARG A 91 6.23 22.53 -20.91
N PRO A 92 7.12 23.11 -20.06
CA PRO A 92 6.86 23.37 -18.63
C PRO A 92 6.01 24.61 -18.53
N LEU A 93 4.78 24.50 -19.03
CA LEU A 93 4.04 25.73 -19.29
C LEU A 93 2.74 25.84 -18.48
N GLY A 94 2.53 24.97 -17.47
CA GLY A 94 1.44 25.23 -16.56
C GLY A 94 0.26 24.28 -16.78
N THR A 95 -0.58 24.23 -15.76
CA THR A 95 -1.81 23.40 -15.81
C THR A 95 -2.78 23.78 -16.93
N GLY A 96 -2.83 25.08 -17.29
CA GLY A 96 -3.74 25.54 -18.36
C GLY A 96 -3.23 24.91 -19.65
N HIS A 97 -1.91 24.92 -19.86
CA HIS A 97 -1.34 24.21 -21.03
C HIS A 97 -1.55 22.72 -20.96
N ALA A 98 -1.47 22.14 -19.76
CA ALA A 98 -1.72 20.67 -19.59
C ALA A 98 -3.15 20.33 -20.12
N VAL A 99 -4.10 21.18 -19.84
CA VAL A 99 -5.47 20.90 -20.33
C VAL A 99 -5.56 21.04 -21.86
N LEU A 100 -4.87 22.03 -22.42
CA LEU A 100 -4.83 22.16 -23.85
C LEU A 100 -4.27 20.90 -24.48
N CYS A 101 -3.17 20.38 -23.92
CA CYS A 101 -2.61 19.13 -24.40
C CYS A 101 -3.64 17.99 -24.24
N GLY A 102 -4.36 17.93 -23.13
CA GLY A 102 -5.34 16.86 -22.94
C GLY A 102 -6.44 16.93 -24.01
N LEU A 103 -6.95 18.12 -24.28
CA LEU A 103 -8.02 18.30 -25.28
C LEU A 103 -7.62 17.78 -26.70
N SER A 104 -6.33 17.76 -27.03
CA SER A 104 -5.86 17.24 -28.29
C SER A 104 -6.19 15.77 -28.49
N ALA A 105 -6.50 15.05 -27.42
CA ALA A 105 -6.78 13.65 -27.60
C ALA A 105 -8.30 13.46 -27.84
N LEU A 106 -9.06 14.54 -27.85
CA LEU A 106 -10.48 14.47 -28.14
C LEU A 106 -10.71 14.87 -29.62
N PRO A 107 -11.83 14.40 -30.24
CA PRO A 107 -12.20 14.96 -31.57
C PRO A 107 -12.41 16.45 -31.44
N ASP A 108 -12.09 17.18 -32.50
CA ASP A 108 -12.30 18.63 -32.52
C ASP A 108 -13.79 19.03 -32.29
N ASP A 109 -14.75 18.17 -32.61
CA ASP A 109 -16.14 18.54 -32.40
C ASP A 109 -16.76 17.85 -31.16
N TYR A 110 -15.91 17.31 -30.27
CA TYR A 110 -16.40 16.70 -29.00
C TYR A 110 -17.30 17.68 -28.32
N ALA A 111 -18.45 17.20 -27.84
CA ALA A 111 -19.42 18.11 -27.21
C ALA A 111 -19.85 17.74 -25.77
N GLY A 112 -19.32 16.64 -25.20
CA GLY A 112 -19.55 16.35 -23.76
C GLY A 112 -18.92 17.37 -22.79
N ASN A 113 -19.26 17.26 -21.50
CA ASN A 113 -18.57 18.04 -20.43
C ASN A 113 -17.11 17.60 -20.38
N VAL A 114 -16.24 18.47 -19.84
CA VAL A 114 -14.84 18.12 -19.67
C VAL A 114 -14.62 18.25 -18.14
N VAL A 115 -14.23 17.14 -17.55
CA VAL A 115 -13.88 17.18 -16.15
C VAL A 115 -12.35 17.11 -16.08
N VAL A 116 -11.79 17.90 -15.16
CA VAL A 116 -10.31 17.96 -15.06
C VAL A 116 -9.99 17.72 -13.59
N THR A 117 -9.06 16.82 -13.34
CA THR A 117 -8.49 16.76 -11.99
C THR A 117 -6.98 16.52 -12.09
N SER A 118 -6.24 16.68 -10.99
CA SER A 118 -4.76 16.53 -11.04
C SER A 118 -4.42 15.09 -10.54
N GLY A 119 -3.30 14.54 -10.98
CA GLY A 119 -2.88 13.24 -10.55
C GLY A 119 -2.34 13.24 -9.11
N ASP A 120 -2.38 14.37 -8.43
CA ASP A 120 -1.83 14.40 -7.04
C ASP A 120 -2.91 14.72 -6.02
N THR A 121 -4.15 14.36 -6.38
CA THR A 121 -5.31 14.48 -5.46
C THR A 121 -5.80 13.04 -5.15
N PRO A 122 -5.04 12.30 -4.31
CA PRO A 122 -5.21 10.84 -4.35
C PRO A 122 -6.47 10.32 -3.60
N LEU A 123 -7.11 11.13 -2.74
CA LEU A 123 -8.36 10.68 -2.04
C LEU A 123 -9.62 11.01 -2.82
N LEU A 124 -9.46 11.59 -4.00
CA LEU A 124 -10.67 11.96 -4.72
C LEU A 124 -11.44 10.69 -5.07
N ASP A 125 -12.76 10.77 -4.96
CA ASP A 125 -13.58 9.56 -5.12
C ASP A 125 -14.69 9.69 -6.14
N ALA A 126 -15.16 8.56 -6.68
CA ALA A 126 -16.20 8.59 -7.68
C ALA A 126 -17.45 9.41 -7.25
N ASP A 127 -17.92 9.27 -6.01
CA ASP A 127 -19.08 10.06 -5.50
C ASP A 127 -18.90 11.60 -5.63
N THR A 128 -17.74 12.11 -5.21
CA THR A 128 -17.45 13.55 -5.36
C THR A 128 -17.49 13.99 -6.85
N LEU A 129 -16.99 13.17 -7.75
CA LEU A 129 -16.92 13.51 -9.17
C LEU A 129 -18.35 13.45 -9.75
N ALA A 130 -19.08 12.38 -9.39
CA ALA A 130 -20.50 12.31 -9.79
C ALA A 130 -21.27 13.55 -9.27
N ASP A 131 -21.11 13.95 -8.01
CA ASP A 131 -21.79 15.15 -7.52
C ASP A 131 -21.38 16.42 -8.26
N LEU A 132 -20.11 16.48 -8.70
CA LEU A 132 -19.60 17.67 -9.41
C LEU A 132 -20.34 17.77 -10.74
N ILE A 133 -20.39 16.66 -11.44
CA ILE A 133 -20.98 16.69 -12.76
C ILE A 133 -22.50 17.02 -12.64
N ALA A 134 -23.17 16.39 -11.67
CA ALA A 134 -24.59 16.65 -11.41
C ALA A 134 -24.85 18.13 -11.06
N THR A 135 -24.12 18.70 -10.10
CA THR A 135 -24.18 20.16 -9.82
C THR A 135 -23.97 21.07 -11.07
N HIS A 136 -22.90 20.78 -11.83
CA HIS A 136 -22.55 21.53 -13.04
C HIS A 136 -23.70 21.59 -14.12
N ARG A 137 -24.24 20.42 -14.42
CA ARG A 137 -25.44 20.26 -15.26
C ARG A 137 -26.66 20.99 -14.69
N ALA A 138 -26.87 20.89 -13.38
CA ALA A 138 -28.02 21.51 -12.72
C ALA A 138 -28.02 23.04 -12.76
N VAL A 139 -26.85 23.66 -12.71
CA VAL A 139 -26.80 25.13 -12.71
C VAL A 139 -26.49 25.69 -14.08
N SER A 140 -26.40 24.81 -15.07
CA SER A 140 -25.93 25.18 -16.40
C SER A 140 -24.65 26.08 -16.40
N ALA A 141 -23.65 25.67 -15.62
CA ALA A 141 -22.41 26.48 -15.44
C ALA A 141 -21.53 26.35 -16.67
N ALA A 142 -20.72 27.37 -16.97
CA ALA A 142 -19.65 27.18 -17.94
C ALA A 142 -18.49 26.51 -17.22
N VAL A 143 -18.29 26.86 -15.96
CA VAL A 143 -17.28 26.15 -15.14
C VAL A 143 -17.79 25.88 -13.75
N THR A 144 -17.62 24.65 -13.28
CA THR A 144 -17.83 24.38 -11.84
C THR A 144 -16.49 24.00 -11.16
N VAL A 145 -16.12 24.67 -10.07
CA VAL A 145 -14.87 24.33 -9.41
C VAL A 145 -15.17 23.81 -7.99
N LEU A 146 -14.47 22.74 -7.61
CA LEU A 146 -14.58 22.23 -6.26
C LEU A 146 -13.68 23.03 -5.32
N THR A 147 -14.22 23.40 -4.16
CA THR A 147 -13.39 24.09 -3.17
C THR A 147 -13.55 23.41 -1.86
N THR A 148 -12.72 23.82 -0.93
CA THR A 148 -12.89 23.32 0.41
C THR A 148 -12.29 24.34 1.36
N THR A 149 -12.46 24.11 2.66
CA THR A 149 -11.79 25.00 3.58
C THR A 149 -10.87 24.37 4.62
N LEU A 150 -9.66 24.92 4.74
CA LEU A 150 -8.56 24.24 5.44
C LEU A 150 -7.93 25.09 6.51
N ASP A 151 -7.42 24.46 7.59
CA ASP A 151 -6.71 25.18 8.66
C ASP A 151 -5.40 25.75 8.12
N ASP A 152 -4.71 24.94 7.30
CA ASP A 152 -3.46 25.34 6.66
C ASP A 152 -3.60 25.31 5.11
N PRO A 153 -3.89 26.47 4.52
CA PRO A 153 -4.08 26.49 3.08
C PRO A 153 -2.76 26.74 2.27
N PHE A 154 -1.57 26.66 2.90
CA PHE A 154 -0.31 26.93 2.23
C PHE A 154 -0.19 26.14 0.90
N GLY A 155 0.19 26.88 -0.14
CA GLY A 155 0.43 26.28 -1.47
C GLY A 155 -0.82 25.99 -2.31
N TYR A 156 -2.02 26.22 -1.77
CA TYR A 156 -3.24 26.07 -2.55
C TYR A 156 -3.60 27.39 -3.21
N GLY A 157 -4.35 27.35 -4.34
CA GLY A 157 -4.99 28.55 -4.87
C GLY A 157 -6.07 28.94 -3.84
N ARG A 158 -6.19 30.24 -3.56
CA ARG A 158 -7.26 30.80 -2.70
C ARG A 158 -8.49 31.15 -3.53
N ILE A 159 -9.66 30.88 -2.97
CA ILE A 159 -10.91 31.26 -3.64
C ILE A 159 -11.25 32.74 -3.34
N LEU A 160 -11.41 33.54 -4.39
CA LEU A 160 -11.75 34.97 -4.21
C LEU A 160 -13.21 35.17 -4.50
N ARG A 161 -13.92 35.74 -3.53
CA ARG A 161 -15.36 35.93 -3.66
C ARG A 161 -15.78 37.44 -3.52
N THR A 162 -16.85 37.82 -4.23
CA THR A 162 -17.49 39.16 -4.07
C THR A 162 -18.22 39.26 -2.71
N GLN A 163 -18.75 40.45 -2.39
CA GLN A 163 -19.52 40.61 -1.12
C GLN A 163 -20.78 39.75 -1.08
N ASP A 164 -21.43 39.62 -2.24
CA ASP A 164 -22.55 38.68 -2.43
C ASP A 164 -22.19 37.14 -2.47
N HIS A 165 -20.93 36.89 -2.10
N HIS A 165 -21.00 36.74 -2.00
CA HIS A 165 -20.31 35.56 -1.97
CA HIS A 165 -20.60 35.30 -2.00
C HIS A 165 -20.18 34.78 -3.31
C HIS A 165 -20.52 34.73 -3.45
N GLU A 166 -20.11 35.53 -4.40
CA GLU A 166 -19.98 35.03 -5.80
C GLU A 166 -18.47 34.83 -6.17
N VAL A 167 -18.12 33.66 -6.67
CA VAL A 167 -16.68 33.42 -6.95
C VAL A 167 -16.23 34.32 -8.11
N MET A 168 -15.15 35.08 -7.90
CA MET A 168 -14.60 35.88 -8.98
C MET A 168 -13.28 35.37 -9.60
N ALA A 169 -12.46 34.71 -8.79
CA ALA A 169 -11.10 34.39 -9.24
C ALA A 169 -10.48 33.35 -8.29
N ILE A 170 -9.42 32.70 -8.76
CA ILE A 170 -8.56 31.87 -7.91
C ILE A 170 -7.16 32.52 -8.00
N VAL A 171 -6.53 32.81 -6.88
CA VAL A 171 -5.17 33.36 -6.84
C VAL A 171 -4.21 32.37 -6.19
N GLU A 172 -3.10 32.13 -6.88
CA GLU A 172 -2.19 31.08 -6.43
C GLU A 172 -1.36 31.56 -5.29
N GLN A 173 -0.96 30.61 -4.46
CA GLN A 173 -0.07 30.90 -3.27
C GLN A 173 1.05 31.88 -3.61
N THR A 174 1.85 31.57 -4.65
CA THR A 174 3.01 32.44 -5.00
C THR A 174 2.62 33.82 -5.56
N ASP A 175 1.33 34.03 -5.84
CA ASP A 175 0.82 35.28 -6.43
C ASP A 175 -0.11 36.12 -5.53
N ALA A 176 -0.42 35.57 -4.36
CA ALA A 176 -1.36 36.11 -3.42
C ALA A 176 -0.72 37.21 -2.54
N THR A 177 -1.47 38.29 -2.27
CA THR A 177 -0.99 39.32 -1.31
C THR A 177 -0.96 38.71 0.07
N PRO A 178 -0.23 39.34 1.05
CA PRO A 178 -0.37 38.77 2.41
C PRO A 178 -1.80 38.62 2.95
N SER A 179 -2.71 39.54 2.61
CA SER A 179 -4.02 39.40 3.13
C SER A 179 -4.73 38.21 2.43
N GLN A 180 -4.54 38.08 1.10
CA GLN A 180 -5.14 36.96 0.34
C GLN A 180 -4.70 35.58 0.86
N ARG A 181 -3.44 35.50 1.30
CA ARG A 181 -2.89 34.29 1.89
C ARG A 181 -3.66 33.78 3.13
N GLU A 182 -4.37 34.69 3.81
CA GLU A 182 -5.14 34.36 5.03
C GLU A 182 -6.42 33.65 4.67
N ILE A 183 -6.79 33.72 3.38
CA ILE A 183 -7.96 33.03 2.87
C ILE A 183 -7.77 31.52 3.04
N ARG A 184 -8.78 30.88 3.66
CA ARG A 184 -8.69 29.47 4.04
C ARG A 184 -9.56 28.64 3.12
N GLU A 185 -10.37 29.31 2.31
CA GLU A 185 -11.12 28.58 1.29
C GLU A 185 -10.22 28.37 0.03
N VAL A 186 -10.00 27.13 -0.36
CA VAL A 186 -8.99 26.80 -1.36
C VAL A 186 -9.57 26.06 -2.56
N ASN A 187 -8.83 26.16 -3.65
CA ASN A 187 -9.11 25.42 -4.87
C ASN A 187 -8.68 23.95 -4.77
N ALA A 188 -9.61 23.03 -5.06
CA ALA A 188 -9.35 21.58 -5.14
C ALA A 188 -8.52 21.22 -6.40
N GLY A 189 -8.60 22.09 -7.39
CA GLY A 189 -8.08 21.76 -8.76
C GLY A 189 -8.87 20.65 -9.41
N VAL A 190 -10.19 20.57 -9.11
CA VAL A 190 -11.06 19.60 -9.74
C VAL A 190 -12.21 20.44 -10.30
N TYR A 191 -12.53 20.28 -11.58
CA TYR A 191 -13.48 21.21 -12.23
C TYR A 191 -14.33 20.44 -13.22
N ALA A 192 -15.51 21.00 -13.55
CA ALA A 192 -16.21 20.53 -14.75
C ALA A 192 -16.34 21.76 -15.67
N PHE A 193 -16.26 21.53 -16.99
CA PHE A 193 -16.27 22.62 -17.97
C PHE A 193 -17.27 22.38 -19.09
N ASP A 194 -17.93 23.43 -19.52
CA ASP A 194 -18.50 23.43 -20.87
C ASP A 194 -17.31 23.48 -21.86
N ILE A 195 -17.19 22.51 -22.78
CA ILE A 195 -16.01 22.45 -23.62
C ILE A 195 -15.70 23.76 -24.49
N ALA A 196 -16.76 24.39 -25.01
CA ALA A 196 -16.58 25.59 -25.85
C ALA A 196 -16.05 26.71 -25.01
N ALA A 197 -16.62 26.90 -23.83
CA ALA A 197 -16.16 27.98 -22.94
C ALA A 197 -14.70 27.75 -22.52
N LEU A 198 -14.39 26.47 -22.23
CA LEU A 198 -13.04 26.07 -21.77
C LEU A 198 -12.03 26.41 -22.91
N ARG A 199 -12.26 25.91 -24.12
CA ARG A 199 -11.37 26.19 -25.31
C ARG A 199 -11.16 27.68 -25.52
N SER A 200 -12.25 28.47 -25.36
CA SER A 200 -12.10 29.88 -25.54
C SER A 200 -11.21 30.51 -24.43
N ALA A 201 -11.43 30.14 -23.16
CA ALA A 201 -10.67 30.73 -22.06
C ALA A 201 -9.19 30.33 -22.12
N LEU A 202 -8.93 29.08 -22.50
CA LEU A 202 -7.50 28.61 -22.61
C LEU A 202 -6.67 29.41 -23.66
N SER A 203 -7.27 29.69 -24.83
CA SER A 203 -6.58 30.52 -25.87
C SER A 203 -6.31 31.91 -25.31
N ARG A 204 -7.08 32.36 -24.32
CA ARG A 204 -6.91 33.73 -23.76
C ARG A 204 -5.98 33.86 -22.56
N LEU A 205 -5.45 32.73 -22.06
CA LEU A 205 -4.58 32.80 -20.90
C LEU A 205 -3.27 33.52 -21.30
N SER A 206 -2.66 34.26 -20.37
CA SER A 206 -1.30 34.73 -20.61
C SER A 206 -0.50 34.27 -19.35
N SER A 207 0.80 34.59 -19.26
CA SER A 207 1.62 33.98 -18.24
C SER A 207 2.15 35.05 -17.31
N ASN A 208 1.39 36.12 -17.09
CA ASN A 208 1.91 37.12 -16.18
C ASN A 208 1.74 36.82 -14.70
N ASN A 209 2.60 35.95 -14.13
CA ASN A 209 2.43 35.49 -12.76
C ASN A 209 3.81 35.02 -12.31
N ALA A 210 3.94 34.65 -11.03
CA ALA A 210 5.19 34.30 -10.45
C ALA A 210 5.83 33.06 -11.05
N GLN A 211 5.12 32.26 -11.84
CA GLN A 211 5.80 31.14 -12.47
C GLN A 211 6.02 31.36 -13.97
N GLN A 212 5.43 32.40 -14.48
CA GLN A 212 5.33 32.62 -15.92
C GLN A 212 4.79 31.39 -16.66
N GLU A 213 3.65 30.89 -16.19
CA GLU A 213 3.03 29.67 -16.73
C GLU A 213 1.61 30.09 -17.13
N LEU A 214 0.91 29.20 -17.84
CA LEU A 214 -0.49 29.45 -18.13
C LEU A 214 -1.20 28.68 -17.01
N TYR A 215 -1.73 29.39 -16.02
CA TYR A 215 -2.39 28.77 -14.88
C TYR A 215 -3.83 28.34 -15.33
N LEU A 216 -4.26 27.12 -15.14
CA LEU A 216 -5.66 26.77 -15.45
C LEU A 216 -6.58 27.62 -14.59
N THR A 217 -6.14 27.96 -13.38
CA THR A 217 -7.00 28.68 -12.45
C THR A 217 -7.44 30.06 -12.94
N ASP A 218 -6.67 30.67 -13.85
CA ASP A 218 -7.06 31.96 -14.46
C ASP A 218 -8.35 31.87 -15.32
N VAL A 219 -8.74 30.66 -15.73
CA VAL A 219 -9.94 30.52 -16.57
C VAL A 219 -11.17 30.95 -15.77
N ILE A 220 -11.12 30.89 -14.43
CA ILE A 220 -12.27 31.27 -13.58
C ILE A 220 -12.59 32.77 -13.86
N ALA A 221 -11.57 33.63 -13.62
CA ALA A 221 -11.76 35.08 -13.80
C ALA A 221 -12.06 35.41 -15.25
N ILE A 222 -11.46 34.67 -16.20
CA ILE A 222 -11.73 34.91 -17.64
C ILE A 222 -13.23 34.66 -17.98
N LEU A 223 -13.72 33.50 -17.54
CA LEU A 223 -15.14 33.17 -17.72
C LEU A 223 -16.09 34.11 -17.00
N ARG A 224 -15.76 34.49 -15.77
CA ARG A 224 -16.51 35.48 -15.04
C ARG A 224 -16.63 36.78 -15.81
N SER A 225 -15.50 37.28 -16.27
CA SER A 225 -15.46 38.52 -17.07
C SER A 225 -16.27 38.38 -18.38
N ASP A 226 -16.42 37.18 -18.96
CA ASP A 226 -17.28 37.06 -20.15
C ASP A 226 -18.77 36.93 -19.81
N GLY A 227 -19.13 37.12 -18.56
CA GLY A 227 -20.52 37.00 -18.11
C GLY A 227 -20.99 35.55 -18.15
N GLN A 228 -20.05 34.61 -18.11
CA GLN A 228 -20.39 33.22 -18.05
C GLN A 228 -20.70 32.85 -16.59
N THR A 229 -21.56 31.84 -16.43
CA THR A 229 -21.91 31.23 -15.10
C THR A 229 -20.76 30.38 -14.55
N VAL A 230 -20.29 30.82 -13.40
CA VAL A 230 -19.14 30.29 -12.70
C VAL A 230 -19.66 29.85 -11.31
N HIS A 231 -19.57 28.54 -11.00
CA HIS A 231 -20.13 27.95 -9.79
C HIS A 231 -18.98 27.33 -8.96
N ALA A 232 -18.87 27.68 -7.68
CA ALA A 232 -18.07 26.86 -6.78
C ALA A 232 -18.96 25.85 -6.02
N SER A 233 -18.45 24.64 -5.88
CA SER A 233 -19.10 23.66 -5.04
C SER A 233 -18.15 23.26 -3.87
N HIS A 234 -18.57 23.56 -2.62
CA HIS A 234 -17.76 23.40 -1.45
C HIS A 234 -17.81 21.93 -0.95
N VAL A 235 -16.67 21.26 -0.95
CA VAL A 235 -16.63 19.88 -0.48
C VAL A 235 -16.24 20.03 0.98
N ASP A 236 -17.12 19.64 1.92
CA ASP A 236 -16.83 19.88 3.36
C ASP A 236 -15.75 18.95 3.88
N ASP A 237 -15.74 17.72 3.36
CA ASP A 237 -14.73 16.74 3.74
C ASP A 237 -13.48 17.03 2.91
N SER A 238 -12.60 17.84 3.47
CA SER A 238 -11.44 18.42 2.77
C SER A 238 -10.46 17.33 2.25
N ALA A 239 -10.31 16.24 3.01
CA ALA A 239 -9.31 15.25 2.66
C ALA A 239 -9.59 14.75 1.27
N LEU A 240 -10.87 14.69 0.85
CA LEU A 240 -11.22 14.15 -0.46
C LEU A 240 -10.65 14.96 -1.62
N VAL A 241 -10.27 16.23 -1.38
CA VAL A 241 -9.79 17.07 -2.48
C VAL A 241 -8.41 17.67 -2.12
N ALA A 242 -7.81 17.08 -1.11
CA ALA A 242 -6.51 17.60 -0.61
C ALA A 242 -5.43 17.18 -1.67
N GLY A 243 -4.45 18.07 -1.91
CA GLY A 243 -3.37 17.69 -2.81
C GLY A 243 -2.06 17.36 -2.13
N VAL A 244 -1.15 16.79 -2.93
CA VAL A 244 0.15 16.38 -2.45
C VAL A 244 1.19 16.99 -3.34
N ASN A 245 1.97 17.94 -2.81
CA ASN A 245 3.09 18.45 -3.58
C ASN A 245 4.44 18.14 -3.01
N ASN A 246 4.48 17.54 -1.80
CA ASN A 246 5.78 17.24 -1.21
C ASN A 246 5.54 16.03 -0.28
N ARG A 247 6.64 15.51 0.29
CA ARG A 247 6.57 14.27 1.11
C ARG A 247 5.85 14.46 2.42
N VAL A 248 5.82 15.71 2.93
CA VAL A 248 5.11 16.02 4.17
C VAL A 248 3.61 15.81 3.90
N GLN A 249 3.11 16.44 2.81
CA GLN A 249 1.69 16.28 2.42
C GLN A 249 1.33 14.85 2.11
N LEU A 250 2.25 14.17 1.44
CA LEU A 250 1.99 12.74 1.10
C LEU A 250 1.71 11.94 2.40
N ALA A 251 2.60 12.08 3.39
CA ALA A 251 2.48 11.28 4.66
C ALA A 251 1.23 11.72 5.37
N GLU A 252 0.89 13.01 5.35
CA GLU A 252 -0.33 13.38 6.04
C GLU A 252 -1.62 12.84 5.40
N LEU A 253 -1.68 12.76 4.08
CA LEU A 253 -2.83 12.16 3.43
C LEU A 253 -2.83 10.67 3.55
N ALA A 254 -1.64 10.05 3.59
CA ALA A 254 -1.53 8.63 3.79
C ALA A 254 -2.09 8.27 5.18
N SER A 255 -1.82 9.16 6.14
CA SER A 255 -2.31 8.92 7.47
C SER A 255 -3.86 9.06 7.51
N GLU A 256 -4.38 10.12 6.89
CA GLU A 256 -5.84 10.31 6.83
C GLU A 256 -6.53 9.16 6.11
N LEU A 257 -5.99 8.76 4.96
CA LEU A 257 -6.54 7.59 4.25
C LEU A 257 -6.51 6.33 5.18
N ASN A 258 -5.39 6.12 5.87
CA ASN A 258 -5.25 4.98 6.72
C ASN A 258 -6.32 5.03 7.85
N ARG A 259 -6.54 6.17 8.50
CA ARG A 259 -7.56 6.32 9.56
C ARG A 259 -8.97 5.87 9.01
N ARG A 260 -9.26 6.20 7.76
CA ARG A 260 -10.54 5.84 7.16
C ARG A 260 -10.63 4.37 6.82
N VAL A 261 -9.55 3.80 6.33
CA VAL A 261 -9.55 2.35 6.05
C VAL A 261 -9.78 1.58 7.41
N VAL A 262 -9.01 1.96 8.42
CA VAL A 262 -9.15 1.33 9.72
C VAL A 262 -10.57 1.49 10.23
N ALA A 263 -11.14 2.70 10.13
CA ALA A 263 -12.52 2.97 10.59
C ALA A 263 -13.51 2.08 9.89
N ALA A 264 -13.35 1.82 8.59
CA ALA A 264 -14.28 0.94 7.87
C ALA A 264 -14.20 -0.46 8.44
N HIS A 265 -12.98 -0.97 8.77
CA HIS A 265 -12.87 -2.28 9.39
C HIS A 265 -13.47 -2.29 10.82
N GLN A 266 -13.21 -1.25 11.62
CA GLN A 266 -13.78 -1.18 12.93
C GLN A 266 -15.33 -1.21 12.90
N LEU A 267 -15.91 -0.43 11.97
CA LEU A 267 -17.41 -0.42 11.77
C LEU A 267 -17.91 -1.77 11.27
N ALA A 268 -17.07 -2.50 10.55
CA ALA A 268 -17.48 -3.82 10.08
C ALA A 268 -17.26 -4.93 11.15
N GLY A 269 -16.68 -4.65 12.30
CA GLY A 269 -16.54 -5.66 13.34
C GLY A 269 -15.09 -6.07 13.69
N VAL A 270 -14.12 -5.21 13.37
CA VAL A 270 -12.67 -5.57 13.66
C VAL A 270 -12.26 -4.63 14.80
N THR A 271 -11.80 -5.22 15.87
CA THR A 271 -11.14 -4.44 16.94
C THR A 271 -9.73 -4.08 16.47
N VAL A 272 -9.50 -2.78 16.32
CA VAL A 272 -8.15 -2.25 16.10
C VAL A 272 -7.83 -1.45 17.36
N VAL A 273 -6.95 -2.00 18.17
CA VAL A 273 -6.58 -1.40 19.44
C VAL A 273 -6.08 0.03 19.27
N ASP A 274 -5.21 0.19 18.28
CA ASP A 274 -4.53 1.50 18.12
C ASP A 274 -4.50 1.87 16.64
N PRO A 275 -5.56 2.53 16.11
CA PRO A 275 -5.55 2.90 14.69
C PRO A 275 -4.36 3.74 14.29
N ALA A 276 -3.76 4.47 15.22
CA ALA A 276 -2.65 5.33 14.82
C ALA A 276 -1.41 4.54 14.46
N THR A 277 -1.27 3.34 14.99
CA THR A 277 -0.10 2.53 14.63
C THR A 277 -0.49 1.24 13.92
N THR A 278 -1.63 1.25 13.29
CA THR A 278 -2.04 0.07 12.52
C THR A 278 -2.26 0.48 11.05
N TRP A 279 -1.38 0.05 10.14
CA TRP A 279 -1.43 0.50 8.77
C TRP A 279 -2.09 -0.61 7.96
N ILE A 280 -3.13 -0.28 7.22
CA ILE A 280 -3.88 -1.32 6.43
C ILE A 280 -4.02 -0.84 4.97
N ASP A 281 -3.48 -1.59 4.01
CA ASP A 281 -3.63 -1.29 2.59
C ASP A 281 -5.07 -1.44 2.12
N VAL A 282 -5.41 -0.77 1.01
CA VAL A 282 -6.80 -0.70 0.59
C VAL A 282 -7.41 -2.04 0.23
N ASP A 283 -6.64 -3.02 -0.26
CA ASP A 283 -7.26 -4.29 -0.66
C ASP A 283 -7.36 -5.38 0.45
N VAL A 284 -6.91 -5.05 1.67
CA VAL A 284 -6.80 -6.08 2.70
C VAL A 284 -8.21 -6.37 3.19
N THR A 285 -8.52 -7.64 3.45
CA THR A 285 -9.81 -7.96 4.07
C THR A 285 -9.55 -8.57 5.43
N ILE A 286 -10.46 -8.32 6.38
CA ILE A 286 -10.31 -8.79 7.73
C ILE A 286 -11.65 -9.24 8.27
N GLY A 287 -11.68 -10.40 8.93
CA GLY A 287 -12.93 -11.00 9.38
C GLY A 287 -13.37 -10.45 10.70
N ARG A 288 -14.64 -10.70 10.99
CA ARG A 288 -15.27 -10.22 12.18
C ARG A 288 -14.64 -10.74 13.48
N ASP A 289 -14.59 -9.87 14.49
CA ASP A 289 -14.01 -10.20 15.79
C ASP A 289 -12.51 -10.51 15.79
N THR A 290 -11.81 -10.29 14.66
CA THR A 290 -10.35 -10.22 14.74
C THR A 290 -9.91 -9.03 15.60
N VAL A 291 -8.80 -9.21 16.33
CA VAL A 291 -8.24 -8.11 17.14
C VAL A 291 -6.86 -7.87 16.56
N ILE A 292 -6.58 -6.60 16.24
CA ILE A 292 -5.27 -6.22 15.74
C ILE A 292 -4.61 -5.34 16.80
N HIS A 293 -3.46 -5.76 17.28
CA HIS A 293 -2.66 -5.10 18.31
C HIS A 293 -1.68 -4.07 17.69
N PRO A 294 -1.12 -3.17 18.55
CA PRO A 294 -0.46 -1.98 17.98
C PRO A 294 0.79 -2.33 17.16
N GLY A 295 1.21 -1.41 16.27
CA GLY A 295 2.55 -1.56 15.62
C GLY A 295 2.40 -2.55 14.49
N THR A 296 1.23 -2.61 13.86
CA THR A 296 0.97 -3.73 12.89
C THR A 296 0.80 -3.08 11.49
N GLN A 297 1.34 -3.71 10.44
CA GLN A 297 0.99 -3.27 9.07
C GLN A 297 0.51 -4.49 8.29
N LEU A 298 -0.66 -4.34 7.70
CA LEU A 298 -1.22 -5.39 6.80
C LEU A 298 -1.22 -4.86 5.37
N LEU A 299 -0.48 -5.51 4.44
CA LEU A 299 -0.10 -4.80 3.22
C LEU A 299 -0.44 -5.68 2.01
N GLY A 300 -0.53 -5.05 0.81
CA GLY A 300 -0.78 -5.86 -0.42
C GLY A 300 -2.15 -6.51 -0.34
N ARG A 301 -2.23 -7.79 -0.70
CA ARG A 301 -3.51 -8.45 -0.78
C ARG A 301 -3.68 -9.38 0.47
N THR A 302 -3.25 -8.93 1.66
CA THR A 302 -3.39 -9.77 2.85
C THR A 302 -4.88 -10.02 3.12
N GLN A 303 -5.23 -11.22 3.57
CA GLN A 303 -6.61 -11.49 3.97
C GLN A 303 -6.51 -12.16 5.29
N ILE A 304 -7.25 -11.67 6.28
CA ILE A 304 -7.23 -12.23 7.62
C ILE A 304 -8.70 -12.69 7.85
N GLY A 305 -8.87 -13.93 8.33
CA GLY A 305 -10.17 -14.46 8.78
C GLY A 305 -10.77 -13.82 9.99
N GLY A 306 -11.82 -14.45 10.52
CA GLY A 306 -12.47 -13.91 11.71
C GLY A 306 -11.84 -14.46 13.00
N ARG A 307 -12.04 -13.75 14.12
CA ARG A 307 -11.59 -14.22 15.46
C ARG A 307 -10.08 -14.49 15.49
N CYS A 308 -9.32 -13.81 14.64
CA CYS A 308 -7.89 -13.88 14.72
C CYS A 308 -7.32 -12.92 15.78
N VAL A 309 -6.05 -13.16 16.13
CA VAL A 309 -5.28 -12.16 16.89
C VAL A 309 -4.03 -11.85 16.08
N VAL A 310 -3.81 -10.57 15.77
CA VAL A 310 -2.73 -10.19 14.88
C VAL A 310 -1.94 -9.10 15.61
N GLY A 311 -0.60 -9.22 15.67
CA GLY A 311 0.15 -8.15 16.35
C GLY A 311 0.39 -8.53 17.81
N PRO A 312 1.12 -7.71 18.55
CA PRO A 312 1.60 -6.42 18.04
C PRO A 312 2.82 -6.63 17.16
N ASP A 313 3.30 -5.54 16.57
CA ASP A 313 4.55 -5.57 15.80
C ASP A 313 4.62 -6.66 14.76
N THR A 314 3.55 -6.76 13.97
CA THR A 314 3.48 -7.73 12.92
C THR A 314 3.43 -6.97 11.58
N THR A 315 4.17 -7.47 10.57
CA THR A 315 4.02 -6.90 9.18
C THR A 315 3.74 -8.12 8.25
N LEU A 316 2.62 -8.07 7.53
CA LEU A 316 2.27 -9.15 6.58
C LEU A 316 1.99 -8.49 5.24
N THR A 317 2.60 -9.02 4.15
CA THR A 317 2.36 -8.53 2.82
C THR A 317 1.87 -9.72 1.98
N ASP A 318 0.67 -9.64 1.41
CA ASP A 318 0.10 -10.78 0.62
C ASP A 318 0.13 -12.10 1.44
N VAL A 319 -0.32 -12.06 2.68
CA VAL A 319 -0.39 -13.25 3.49
C VAL A 319 -1.88 -13.57 3.73
N ALA A 320 -2.26 -14.85 3.57
CA ALA A 320 -3.63 -15.31 3.84
C ALA A 320 -3.59 -16.00 5.22
N VAL A 321 -4.49 -15.60 6.11
CA VAL A 321 -4.59 -16.16 7.46
C VAL A 321 -6.02 -16.60 7.65
N GLY A 322 -6.22 -17.82 8.15
CA GLY A 322 -7.57 -18.37 8.29
C GLY A 322 -8.27 -17.83 9.54
N ASP A 323 -9.34 -18.48 9.98
CA ASP A 323 -10.05 -18.06 11.15
C ASP A 323 -9.42 -18.58 12.42
N GLY A 324 -9.49 -17.79 13.48
CA GLY A 324 -9.12 -18.25 14.85
C GLY A 324 -7.59 -18.40 14.95
N ALA A 325 -6.81 -17.86 13.99
CA ALA A 325 -5.34 -18.00 14.04
C ALA A 325 -4.73 -16.86 14.86
N SER A 326 -3.53 -17.07 15.42
CA SER A 326 -2.79 -15.94 16.02
C SER A 326 -1.43 -15.72 15.31
N VAL A 327 -1.11 -14.45 15.02
CA VAL A 327 0.04 -14.12 14.20
C VAL A 327 0.68 -12.88 14.90
N VAL A 328 1.66 -13.16 15.74
CA VAL A 328 2.09 -12.18 16.75
C VAL A 328 3.57 -11.91 16.49
N ARG A 329 3.99 -10.63 16.53
CA ARG A 329 5.39 -10.24 16.30
C ARG A 329 5.98 -11.04 15.13
N THR A 330 5.30 -11.01 13.97
CA THR A 330 5.69 -11.83 12.82
C THR A 330 5.97 -10.92 11.65
N HIS A 331 7.02 -11.24 10.89
CA HIS A 331 7.33 -10.49 9.63
C HIS A 331 7.13 -11.54 8.52
N GLY A 332 6.14 -11.37 7.67
CA GLY A 332 5.88 -12.46 6.69
C GLY A 332 5.35 -11.93 5.35
N SER A 333 5.60 -12.67 4.26
CA SER A 333 5.05 -12.31 2.97
C SER A 333 4.77 -13.54 2.14
N SER A 334 3.77 -13.40 1.24
CA SER A 334 3.41 -14.43 0.24
C SER A 334 3.32 -15.84 0.88
N SER A 335 2.46 -15.98 1.89
CA SER A 335 2.43 -17.18 2.70
C SER A 335 0.98 -17.41 3.06
N SER A 336 0.65 -18.62 3.51
CA SER A 336 -0.68 -18.86 4.06
C SER A 336 -0.55 -19.53 5.43
N ILE A 337 -1.44 -19.13 6.31
CA ILE A 337 -1.59 -19.63 7.72
C ILE A 337 -2.98 -20.19 7.93
N GLY A 338 -3.07 -21.50 8.22
CA GLY A 338 -4.38 -22.14 8.31
C GLY A 338 -5.17 -21.76 9.56
N ASP A 339 -6.44 -22.21 9.60
CA ASP A 339 -7.32 -21.87 10.70
C ASP A 339 -6.72 -22.38 12.00
N GLY A 340 -6.83 -21.59 13.07
CA GLY A 340 -6.49 -22.08 14.41
C GLY A 340 -4.94 -22.20 14.59
N ALA A 341 -4.18 -21.82 13.58
CA ALA A 341 -2.69 -21.86 13.69
C ALA A 341 -2.09 -20.78 14.62
N ALA A 342 -0.93 -21.04 15.23
CA ALA A 342 -0.25 -20.05 16.08
C ALA A 342 1.12 -19.66 15.48
N VAL A 343 1.33 -18.37 15.12
CA VAL A 343 2.59 -18.02 14.54
C VAL A 343 3.19 -16.92 15.47
N GLY A 344 4.47 -16.99 15.86
CA GLY A 344 5.03 -15.92 16.71
C GLY A 344 5.26 -16.37 18.14
N PRO A 345 5.86 -15.51 19.00
CA PRO A 345 6.36 -14.21 18.62
C PRO A 345 7.79 -14.34 17.99
N PHE A 346 8.19 -13.35 17.18
CA PHE A 346 9.52 -13.35 16.56
C PHE A 346 9.66 -14.42 15.50
N THR A 347 8.83 -14.31 14.44
CA THR A 347 8.82 -15.42 13.41
C THR A 347 8.90 -14.76 12.06
N TYR A 348 9.66 -15.36 11.12
CA TYR A 348 9.95 -14.74 9.80
C TYR A 348 9.41 -15.73 8.73
N LEU A 349 8.38 -15.29 8.00
CA LEU A 349 7.82 -16.15 6.93
C LEU A 349 8.22 -15.56 5.57
N ARG A 350 8.93 -16.35 4.78
CA ARG A 350 9.35 -15.95 3.41
C ARG A 350 8.41 -16.60 2.39
N PRO A 351 8.39 -16.07 1.18
CA PRO A 351 7.44 -16.51 0.20
C PRO A 351 7.35 -18.03 0.05
N GLY A 352 6.13 -18.53 -0.15
CA GLY A 352 5.95 -19.95 -0.48
C GLY A 352 5.76 -20.73 0.81
N THR A 353 5.57 -20.06 1.96
CA THR A 353 5.32 -20.79 3.22
C THR A 353 3.82 -21.11 3.34
N ALA A 354 3.49 -22.39 3.65
CA ALA A 354 2.09 -22.74 3.81
C ALA A 354 1.99 -23.55 5.07
N LEU A 355 1.42 -22.95 6.10
CA LEU A 355 1.25 -23.63 7.37
C LEU A 355 -0.18 -24.14 7.54
N GLY A 356 -0.34 -25.43 7.82
CA GLY A 356 -1.73 -25.99 7.95
C GLY A 356 -2.49 -25.54 9.17
N ALA A 357 -3.77 -25.91 9.19
CA ALA A 357 -4.63 -25.54 10.27
C ALA A 357 -4.02 -26.11 11.58
N ASP A 358 -4.21 -25.40 12.67
CA ASP A 358 -3.70 -25.84 13.99
C ASP A 358 -2.16 -26.04 14.05
N GLY A 359 -1.42 -25.59 13.05
CA GLY A 359 0.03 -25.72 13.02
C GLY A 359 0.65 -24.65 13.92
N LYS A 360 1.97 -24.72 14.20
CA LYS A 360 2.53 -23.66 15.04
C LYS A 360 3.92 -23.39 14.54
N LEU A 361 4.22 -22.09 14.30
CA LEU A 361 5.61 -21.67 14.02
C LEU A 361 5.98 -20.70 15.14
N GLY A 362 6.90 -21.11 16.02
CA GLY A 362 7.21 -20.37 17.22
C GLY A 362 8.35 -19.37 17.15
N ALA A 363 8.89 -19.02 18.32
CA ALA A 363 9.87 -17.94 18.42
C ALA A 363 11.20 -18.30 17.80
N PHE A 364 11.75 -17.35 16.99
CA PHE A 364 13.08 -17.46 16.38
C PHE A 364 13.02 -18.61 15.36
N VAL A 365 11.91 -18.66 14.66
CA VAL A 365 11.73 -19.66 13.57
C VAL A 365 11.66 -18.89 12.23
N GLU A 366 12.34 -19.40 11.19
CA GLU A 366 12.15 -18.80 9.87
C GLU A 366 11.75 -19.93 8.92
N VAL A 367 10.74 -19.68 8.09
CA VAL A 367 10.32 -20.71 7.07
C VAL A 367 10.34 -20.04 5.69
N LYS A 368 10.76 -20.80 4.70
CA LYS A 368 10.86 -20.29 3.32
C LYS A 368 10.42 -21.47 2.38
N ASN A 369 9.44 -21.20 1.50
CA ASN A 369 9.10 -22.19 0.43
C ASN A 369 8.91 -23.62 0.97
N SER A 370 8.08 -23.75 2.03
CA SER A 370 7.90 -25.05 2.66
C SER A 370 6.43 -25.27 2.94
N THR A 371 6.00 -26.52 2.87
CA THR A 371 4.63 -26.82 3.23
C THR A 371 4.66 -27.61 4.55
N ILE A 372 3.79 -27.21 5.51
CA ILE A 372 3.81 -27.75 6.83
C ILE A 372 2.37 -28.15 7.18
N GLY A 373 2.17 -29.47 7.39
CA GLY A 373 0.80 -30.06 7.54
C GLY A 373 0.00 -29.70 8.77
N THR A 374 -1.32 -29.91 8.67
CA THR A 374 -2.20 -29.80 9.82
C THR A 374 -1.58 -30.23 11.15
N GLY A 375 -1.66 -29.37 12.17
CA GLY A 375 -1.32 -29.79 13.51
C GLY A 375 0.20 -29.94 13.73
N THR A 376 1.03 -29.61 12.74
CA THR A 376 2.46 -29.79 12.93
C THR A 376 3.07 -28.52 13.60
N LYS A 377 4.07 -28.75 14.47
CA LYS A 377 4.66 -27.63 15.26
C LYS A 377 6.17 -27.54 15.07
N VAL A 378 6.62 -26.33 14.77
CA VAL A 378 8.07 -25.99 14.72
C VAL A 378 8.20 -24.86 15.70
N PRO A 379 8.37 -25.19 16.98
CA PRO A 379 8.20 -24.11 17.95
C PRO A 379 9.43 -23.26 18.30
N HIS A 380 10.65 -23.72 18.09
CA HIS A 380 11.81 -22.98 18.58
C HIS A 380 13.05 -22.93 17.69
N LEU A 381 13.56 -21.76 17.39
CA LEU A 381 14.94 -21.59 16.98
C LEU A 381 15.37 -22.43 15.77
N THR A 382 14.52 -22.46 14.76
CA THR A 382 14.66 -23.35 13.63
C THR A 382 14.47 -22.67 12.26
N TYR A 383 15.23 -23.10 11.29
CA TYR A 383 15.09 -22.72 9.92
C TYR A 383 14.54 -23.89 9.13
N VAL A 384 13.45 -23.63 8.44
CA VAL A 384 12.77 -24.64 7.57
C VAL A 384 12.81 -24.08 6.16
N GLY A 385 13.61 -24.67 5.26
CA GLY A 385 13.68 -24.11 3.87
C GLY A 385 13.46 -25.25 2.85
N ASP A 386 12.66 -25.02 1.81
CA ASP A 386 12.46 -26.01 0.70
C ASP A 386 12.04 -27.42 1.24
N ALA A 387 11.06 -27.44 2.15
CA ALA A 387 10.70 -28.69 2.85
C ALA A 387 9.21 -28.93 2.84
N ASP A 388 8.81 -30.21 2.80
CA ASP A 388 7.44 -30.58 3.02
C ASP A 388 7.38 -31.42 4.26
N ILE A 389 6.53 -31.01 5.18
CA ILE A 389 6.39 -31.72 6.43
C ILE A 389 4.92 -32.16 6.52
N GLY A 390 4.64 -33.37 7.01
CA GLY A 390 3.27 -33.90 7.09
C GLY A 390 2.54 -33.37 8.32
N GLU A 391 1.55 -34.14 8.80
CA GLU A 391 0.64 -33.66 9.80
C GLU A 391 0.99 -34.17 11.18
N TYR A 392 0.63 -33.38 12.20
CA TYR A 392 0.83 -33.77 13.60
C TYR A 392 2.26 -34.17 13.93
N SER A 393 3.21 -33.54 13.23
CA SER A 393 4.62 -33.78 13.54
C SER A 393 5.19 -32.70 14.49
N ASN A 394 6.33 -32.98 15.07
CA ASN A 394 6.93 -32.02 16.02
C ASN A 394 8.41 -31.91 15.68
N ILE A 395 8.85 -30.72 15.29
CA ILE A 395 10.27 -30.52 14.96
C ILE A 395 10.97 -29.93 16.21
N GLY A 396 12.01 -30.63 16.70
CA GLY A 396 12.72 -30.21 17.93
C GLY A 396 13.44 -28.86 17.77
N ALA A 397 13.66 -28.23 18.91
CA ALA A 397 14.27 -26.89 18.99
C ALA A 397 15.65 -26.83 18.34
N SER A 398 15.98 -25.70 17.70
CA SER A 398 17.37 -25.47 17.21
C SER A 398 17.80 -26.41 16.08
N SER A 399 16.89 -26.67 15.14
CA SER A 399 17.12 -27.56 14.01
C SER A 399 17.28 -26.75 12.72
N VAL A 400 17.87 -27.37 11.72
CA VAL A 400 18.04 -26.70 10.44
C VAL A 400 17.69 -27.72 9.34
N PHE A 401 16.81 -27.31 8.45
CA PHE A 401 16.61 -27.98 7.15
C PHE A 401 17.68 -27.40 6.21
N VAL A 402 18.77 -28.14 6.08
CA VAL A 402 19.92 -27.75 5.26
C VAL A 402 19.62 -28.04 3.79
N ASN A 403 19.15 -27.00 3.11
CA ASN A 403 18.66 -27.10 1.79
C ASN A 403 19.78 -26.89 0.77
N TYR A 404 20.84 -26.23 1.24
CA TYR A 404 21.89 -25.66 0.40
C TYR A 404 23.26 -26.29 0.71
N ASP A 405 23.90 -26.85 -0.33
CA ASP A 405 25.16 -27.63 -0.14
C ASP A 405 26.40 -26.80 -0.54
N GLY A 406 26.22 -25.48 -0.63
CA GLY A 406 27.31 -24.61 -1.04
C GLY A 406 27.17 -24.11 -2.47
N THR A 407 26.54 -24.92 -3.34
CA THR A 407 26.23 -24.53 -4.73
C THR A 407 24.73 -24.59 -5.07
N SER A 408 24.05 -25.67 -4.70
CA SER A 408 22.69 -25.97 -5.17
C SER A 408 21.73 -26.22 -3.97
N LYS A 409 20.41 -26.09 -4.22
CA LYS A 409 19.37 -26.31 -3.20
C LYS A 409 18.49 -27.52 -3.45
N ARG A 410 18.14 -28.28 -2.39
CA ARG A 410 17.36 -29.55 -2.55
C ARG A 410 16.19 -29.62 -1.57
N ARG A 411 15.13 -30.39 -1.89
CA ARG A 411 13.96 -30.65 -1.00
C ARG A 411 14.15 -31.78 0.04
N THR A 412 13.53 -31.59 1.20
CA THR A 412 13.44 -32.65 2.21
C THR A 412 11.99 -32.97 2.46
N THR A 413 11.70 -34.23 2.71
CA THR A 413 10.30 -34.59 3.01
C THR A 413 10.25 -35.22 4.41
N VAL A 414 9.41 -34.70 5.29
CA VAL A 414 9.24 -35.30 6.64
C VAL A 414 7.80 -35.73 6.69
N GLY A 415 7.52 -36.93 7.21
CA GLY A 415 6.12 -37.43 7.22
C GLY A 415 5.28 -36.97 8.42
N SER A 416 4.22 -37.72 8.72
CA SER A 416 3.31 -37.38 9.76
C SER A 416 3.65 -38.04 11.06
N HIS A 417 3.21 -37.45 12.16
CA HIS A 417 3.39 -38.01 13.48
C HIS A 417 4.85 -38.27 13.80
N VAL A 418 5.74 -37.52 13.17
CA VAL A 418 7.21 -37.59 13.46
C VAL A 418 7.58 -36.76 14.69
N ARG A 419 8.64 -37.16 15.43
CA ARG A 419 9.14 -36.36 16.56
C ARG A 419 10.62 -36.22 16.44
N THR A 420 11.09 -35.09 15.93
CA THR A 420 12.52 -34.96 15.66
C THR A 420 13.21 -34.27 16.86
N GLY A 421 14.46 -34.65 17.17
CA GLY A 421 15.12 -34.23 18.41
C GLY A 421 15.69 -32.85 18.20
N SER A 422 15.89 -32.12 19.30
CA SER A 422 16.55 -30.83 19.23
C SER A 422 17.89 -30.95 18.52
N ASP A 423 18.30 -29.86 17.84
CA ASP A 423 19.64 -29.81 17.23
C ASP A 423 19.82 -30.92 16.15
N THR A 424 18.73 -31.20 15.42
CA THR A 424 18.84 -32.04 14.24
C THR A 424 19.07 -31.21 13.00
N MET A 425 20.07 -31.62 12.19
CA MET A 425 20.27 -31.08 10.86
C MET A 425 19.70 -32.06 9.81
N PHE A 426 18.82 -31.60 8.89
CA PHE A 426 18.23 -32.42 7.82
C PHE A 426 18.95 -32.05 6.57
N VAL A 427 19.91 -32.88 6.13
CA VAL A 427 20.74 -32.51 4.96
C VAL A 427 20.01 -32.99 3.69
N ALA A 428 19.32 -32.05 3.01
CA ALA A 428 18.56 -32.37 1.80
C ALA A 428 19.45 -33.01 0.74
N PRO A 429 18.86 -33.88 -0.11
CA PRO A 429 17.50 -34.40 -0.06
C PRO A 429 17.42 -35.60 0.92
N VAL A 430 16.46 -35.64 1.83
CA VAL A 430 16.34 -36.79 2.69
C VAL A 430 14.87 -36.95 2.95
N THR A 431 14.42 -38.17 3.25
CA THR A 431 13.02 -38.38 3.62
C THR A 431 12.95 -39.01 4.99
N ILE A 432 12.05 -38.53 5.87
CA ILE A 432 11.86 -39.11 7.18
C ILE A 432 10.47 -39.68 7.16
N GLY A 433 10.33 -41.00 7.31
CA GLY A 433 8.98 -41.60 7.21
C GLY A 433 8.07 -41.35 8.39
N ASP A 434 6.81 -41.70 8.26
CA ASP A 434 5.85 -41.44 9.30
C ASP A 434 6.25 -42.03 10.64
N GLY A 435 6.01 -41.28 11.71
CA GLY A 435 6.18 -41.72 13.09
C GLY A 435 7.64 -41.96 13.49
N ALA A 436 8.58 -41.57 12.66
CA ALA A 436 10.00 -41.60 13.00
C ALA A 436 10.40 -40.60 14.07
N TYR A 437 11.53 -40.88 14.69
CA TYR A 437 12.12 -40.03 15.68
C TYR A 437 13.56 -39.78 15.23
N THR A 438 14.16 -38.69 15.67
CA THR A 438 15.58 -38.51 15.68
C THR A 438 16.07 -38.10 17.07
N GLY A 439 17.30 -38.43 17.41
CA GLY A 439 17.85 -38.08 18.69
C GLY A 439 18.34 -36.65 18.77
N ALA A 440 18.47 -36.12 19.98
CA ALA A 440 19.07 -34.83 20.12
C ALA A 440 20.43 -34.85 19.45
N GLY A 441 20.70 -33.84 18.65
CA GLY A 441 22.07 -33.69 18.16
C GLY A 441 22.38 -34.56 16.93
N THR A 442 21.39 -34.86 16.09
CA THR A 442 21.57 -35.80 14.98
C THR A 442 21.80 -35.06 13.69
N VAL A 443 22.74 -35.54 12.89
CA VAL A 443 22.88 -35.03 11.52
C VAL A 443 22.32 -36.06 10.54
N VAL A 444 21.15 -35.75 9.97
CA VAL A 444 20.46 -36.71 9.19
C VAL A 444 20.88 -36.52 7.72
N ARG A 445 21.60 -37.50 7.21
CA ARG A 445 22.06 -37.47 5.82
C ARG A 445 21.43 -38.58 4.93
N GLU A 446 20.81 -39.58 5.54
CA GLU A 446 20.18 -40.70 4.83
C GLU A 446 18.71 -40.85 5.27
N ASP A 447 17.85 -41.46 4.42
CA ASP A 447 16.45 -41.64 4.66
C ASP A 447 16.26 -42.36 5.95
N VAL A 448 15.15 -42.10 6.62
CA VAL A 448 14.91 -42.67 7.89
C VAL A 448 13.55 -43.39 7.71
N PRO A 449 13.54 -44.73 7.91
CA PRO A 449 12.23 -45.47 7.76
C PRO A 449 11.19 -45.04 8.75
N PRO A 450 9.89 -45.26 8.44
CA PRO A 450 8.81 -45.04 9.37
C PRO A 450 9.07 -45.73 10.71
N GLY A 451 8.76 -45.09 11.82
CA GLY A 451 8.94 -45.79 13.12
C GLY A 451 10.38 -46.09 13.55
N ALA A 452 11.36 -45.71 12.71
CA ALA A 452 12.81 -45.79 13.11
C ALA A 452 13.26 -44.61 14.04
N LEU A 453 14.29 -44.83 14.88
CA LEU A 453 14.94 -43.72 15.59
C LEU A 453 16.29 -43.50 14.86
N ALA A 454 16.55 -42.29 14.32
CA ALA A 454 17.84 -42.00 13.70
C ALA A 454 18.68 -41.23 14.68
N VAL A 455 19.97 -41.58 14.83
CA VAL A 455 20.87 -40.90 15.81
C VAL A 455 22.25 -40.73 15.20
N SER A 456 23.07 -39.86 15.79
CA SER A 456 24.48 -39.78 15.37
C SER A 456 25.43 -39.20 16.43
N ALA A 457 24.86 -38.61 17.52
CA ALA A 457 25.68 -37.98 18.56
C ALA A 457 26.50 -39.08 19.22
N GLY A 458 27.79 -38.83 19.46
CA GLY A 458 28.60 -39.71 20.29
C GLY A 458 28.15 -39.71 21.76
N PRO A 459 28.64 -40.68 22.56
CA PRO A 459 28.29 -40.88 23.96
C PRO A 459 28.89 -39.74 24.84
N GLN A 460 28.23 -39.42 25.92
CA GLN A 460 28.78 -38.43 26.87
C GLN A 460 29.99 -39.04 27.63
N ARG A 461 31.06 -38.27 27.79
CA ARG A 461 32.13 -38.62 28.76
C ARG A 461 32.27 -37.46 29.75
N ASN A 462 32.32 -37.81 31.03
CA ASN A 462 32.63 -36.85 32.07
C ASN A 462 34.09 -36.90 32.47
N ILE A 463 34.78 -35.78 32.36
CA ILE A 463 36.21 -35.68 32.73
C ILE A 463 36.21 -35.05 34.14
N GLU A 464 36.36 -35.89 35.17
CA GLU A 464 36.24 -35.42 36.53
C GLU A 464 37.42 -34.53 36.97
N ASN A 465 37.11 -33.47 37.73
CA ASN A 465 38.08 -32.54 38.28
C ASN A 465 38.82 -31.76 37.21
N TRP A 466 38.28 -31.81 35.98
CA TRP A 466 38.81 -30.95 34.89
C TRP A 466 38.99 -29.47 35.34
N VAL A 467 38.00 -28.95 36.06
CA VAL A 467 37.94 -27.51 36.30
C VAL A 467 39.02 -27.07 37.33
N GLN A 468 39.23 -27.84 38.40
CA GLN A 468 40.36 -27.56 39.34
C GLN A 468 41.70 -27.55 38.59
N ARG A 469 41.81 -28.45 37.59
CA ARG A 469 43.08 -28.59 36.87
C ARG A 469 43.30 -27.49 35.85
N LYS A 470 42.25 -27.12 35.13
CA LYS A 470 42.41 -26.21 33.99
C LYS A 470 41.94 -24.77 34.23
N ARG A 471 41.21 -24.56 35.33
CA ARG A 471 40.72 -23.22 35.75
C ARG A 471 40.93 -23.02 37.27
N PRO A 472 42.16 -23.32 37.82
CA PRO A 472 42.37 -23.13 39.30
C PRO A 472 42.02 -21.62 39.71
N GLY A 473 41.09 -21.41 40.69
CA GLY A 473 40.09 -20.20 40.78
C GLY A 473 38.67 -19.99 40.09
N SER A 474 37.49 -20.24 40.75
CA SER A 474 36.11 -19.56 40.56
C SER A 474 34.82 -20.51 40.36
N PRO A 475 34.61 -21.02 39.13
CA PRO A 475 33.97 -22.39 39.13
C PRO A 475 34.78 -23.48 39.94
N ALA A 476 36.13 -23.45 39.89
CA ALA A 476 37.04 -24.26 40.73
C ALA A 476 36.68 -24.21 42.22
N ALA A 477 36.68 -23.01 42.82
CA ALA A 477 36.13 -22.78 44.18
C ALA A 477 34.65 -23.07 44.01
N GLN A 478 33.99 -23.72 44.96
CA GLN A 478 32.54 -24.01 44.58
C GLN A 478 32.34 -25.38 43.94
N ALA A 479 33.18 -25.77 42.96
CA ALA A 479 33.42 -27.21 42.69
C ALA A 479 33.95 -27.80 44.03
N SER A 480 35.03 -27.20 44.54
CA SER A 480 35.75 -27.63 45.77
C SER A 480 34.86 -27.81 47.02
PG ATP B . 7.18 21.21 -8.59
O1G ATP B . 7.76 20.39 -9.73
O2G ATP B . 7.08 20.51 -7.26
O3G ATP B . 7.52 22.66 -8.52
PB ATP B . 4.64 20.60 -10.03
O1B ATP B . 4.87 19.16 -10.13
O2B ATP B . 3.23 21.08 -9.78
O3B ATP B . 5.60 21.36 -8.98
PA ATP B . 5.48 22.69 -11.97
O1A ATP B . 4.97 23.67 -10.90
O2A ATP B . 6.94 22.67 -12.35
O3A ATP B . 5.08 21.18 -11.50
O5' ATP B . 4.62 22.78 -13.32
C5' ATP B . 3.27 23.23 -13.38
C4' ATP B . 2.66 22.52 -14.57
O4' ATP B . 3.41 22.84 -15.81
C3' ATP B . 2.79 21.00 -14.38
O3' ATP B . 1.61 20.47 -13.75
C2' ATP B . 2.82 20.54 -15.86
O2' ATP B . 1.49 20.55 -16.38
C1' ATP B . 3.56 21.66 -16.57
N9 ATP B . 4.97 21.23 -16.55
C8 ATP B . 5.91 21.74 -15.73
N7 ATP B . 7.11 21.16 -16.05
C5 ATP B . 6.92 20.27 -17.01
C6 ATP B . 7.79 19.39 -17.77
N6 ATP B . 9.14 19.25 -17.49
N1 ATP B . 7.18 18.68 -18.71
C2 ATP B . 5.86 18.75 -19.03
N3 ATP B . 5.00 19.54 -18.39
C4 ATP B . 5.50 20.30 -17.36
MG MG C . 8.75 23.29 -12.39
MG MG D . 4.53 25.20 -9.87
C1 GN1 E . -2.78 23.30 -8.36
OP1 GN1 E . -0.11 22.84 -9.38
P GN1 E . -0.11 23.11 -7.90
OP2 GN1 E . -0.02 21.83 -7.09
OP3 GN1 E . 0.86 24.18 -7.50
C2 GN1 E . -3.70 24.51 -8.59
C3 GN1 E . -4.09 25.12 -7.25
C4 GN1 E . -4.79 24.04 -6.41
C5 GN1 E . -3.87 22.81 -6.27
C6 GN1 E . -4.68 21.68 -5.63
C8 GN1 E . -2.31 26.91 -11.32
O1 GN1 E . -1.57 23.71 -7.71
O3 GN1 E . -5.02 26.20 -7.48
O4 GN1 E . -5.11 24.61 -5.11
O5 GN1 E . -3.42 22.33 -7.56
N2 GN1 E . -2.98 25.59 -9.36
C7 GN1 E . -3.04 25.72 -10.68
O6 GN1 E . -3.92 20.51 -5.38
O7 GN1 E . -3.61 24.89 -11.37
MG MG F . -0.12 19.78 -6.97
CO CO G . 24.87 -29.45 16.92
MG MG H . 23.07 -26.53 17.35
C1 GN1 I . 20.15 -20.76 1.78
OP1 GN1 I . 16.73 -19.62 2.74
P GN1 I . 17.75 -19.60 1.62
OP2 GN1 I . 17.84 -18.19 1.09
OP3 GN1 I . 17.45 -20.63 0.48
C2 GN1 I . 21.28 -21.09 2.80
C3 GN1 I . 22.09 -19.83 3.16
C4 GN1 I . 22.57 -19.13 1.88
C5 GN1 I . 21.52 -18.99 0.75
C6 GN1 I . 22.11 -18.62 -0.61
C8 GN1 I . 20.20 -23.22 5.89
O1 GN1 I . 19.17 -19.84 2.36
O3 GN1 I . 23.22 -20.05 4.06
O4 GN1 I . 23.02 -17.83 2.26
O5 GN1 I . 20.68 -20.17 0.56
N2 GN1 I . 20.57 -21.63 4.01
C7 GN1 I . 21.01 -22.73 4.69
O6 GN1 I . 21.00 -18.59 -1.55
O7 GN1 I . 22.01 -23.34 4.36
#